data_4MD4
#
_entry.id   4MD4
#
_cell.length_a   67.091
_cell.length_b   182.580
_cell.length_c   77.539
_cell.angle_alpha   90.00
_cell.angle_beta   90.00
_cell.angle_gamma   90.00
#
_symmetry.space_group_name_H-M   'C 2 2 21'
#
loop_
_entity.id
_entity.type
_entity.pdbx_description
1 polymer 'HLA class II histocompatibility antigen, DR alpha chain'
2 polymer 'HLA class II histocompatibility antigen, DRB1-4 beta chain'
3 polymer 'Aggrecan core protein'
4 branched 2-acetamido-2-deoxy-beta-D-glucopyranose-(1-4)-2-acetamido-2-deoxy-beta-D-glucopyranose
5 non-polymer 2-acetamido-2-deoxy-beta-D-glucopyranose
6 non-polymer 1,2-ETHANEDIOL
7 water water
#
loop_
_entity_poly.entity_id
_entity_poly.type
_entity_poly.pdbx_seq_one_letter_code
_entity_poly.pdbx_strand_id
1 'polypeptide(L)'
;IKEEHVIIQAEFYLNPDQSGEFMFDFDGDEIFHVDMAKKETVWRLEEFGRFASFEAQGALANIAVDKANLEIMTKRSNYT
PITNVPPEVTVLTNSPVELREPNVLICFIDKFTPPVVNVTWLRNGKPVTTGVSETVFLPREDHLFRKFHYLPFLPSTEDV
YDCRVEHWGLDEPLLKHWEFDTSGDDDDK
;
A
2 'polypeptide(L)'
;GSGDTRPRFLEQVKHECHFFNGTERVRFLDRYFYHQEEYVRFDSDVGEYRAVTELGRPDAEYWNSQKDLLEQKRAAVDTY
CRHNYGVGESFTVQRRVYPEVTVYPAKTQPLQHHNLLVCSVNGFYPGSIEVRWFRNGQEEKTGVVSTGLIQNGDWTFQTL
VMLETVPRSGEVYTCQVEHPSLTSPLTVEWRATGGDDDDK
;
B
3 'polypeptide(L)' ATEY(CIR)V(CIR)VNSAYQDK C
#
# COMPACT_ATOMS: atom_id res chain seq x y z
N GLU A 3 -8.92 14.44 -5.00
CA GLU A 3 -7.54 14.88 -5.09
C GLU A 3 -6.91 14.37 -6.38
N GLU A 4 -5.82 15.00 -6.80
CA GLU A 4 -4.97 14.41 -7.83
C GLU A 4 -3.94 13.53 -7.13
N HIS A 5 -3.39 14.02 -6.03
CA HIS A 5 -2.41 13.25 -5.28
C HIS A 5 -2.49 13.50 -3.78
N VAL A 6 -2.04 12.50 -3.01
CA VAL A 6 -1.99 12.63 -1.58
C VAL A 6 -0.65 12.13 -1.09
N ILE A 7 0.02 12.93 -0.27
CA ILE A 7 1.26 12.51 0.35
C ILE A 7 1.03 12.46 1.84
N ILE A 8 1.36 11.34 2.44
CA ILE A 8 1.13 11.16 3.86
C ILE A 8 2.42 10.78 4.54
N GLN A 9 2.74 11.48 5.62
CA GLN A 9 3.83 11.09 6.50
C GLN A 9 3.13 10.33 7.62
N ALA A 10 3.29 9.01 7.63
CA ALA A 10 2.57 8.17 8.57
C ALA A 10 3.53 7.56 9.57
N GLU A 11 3.14 7.60 10.84
CA GLU A 11 3.99 7.09 11.92
C GLU A 11 3.14 6.28 12.86
N PHE A 12 3.79 5.34 13.56
CA PHE A 12 3.13 4.70 14.70
C PHE A 12 4.11 4.34 15.79
N TYR A 13 3.59 4.13 16.98
CA TYR A 13 4.40 3.59 18.06
C TYR A 13 3.54 2.59 18.82
N LEU A 14 4.09 1.42 19.09
CA LEU A 14 3.34 0.35 19.69
C LEU A 14 3.96 -0.11 21.03
N ASN A 15 3.14 -0.14 22.07
CA ASN A 15 3.51 -0.76 23.35
C ASN A 15 2.80 -2.09 23.49
N PRO A 16 3.41 -3.06 24.19
CA PRO A 16 4.69 -2.98 24.92
C PRO A 16 5.89 -3.34 24.05
N ASP A 17 5.66 -3.59 22.77
CA ASP A 17 6.73 -4.01 21.87
C ASP A 17 7.81 -2.95 21.73
N GLN A 18 7.42 -1.70 21.99
CA GLN A 18 8.29 -0.54 21.81
C GLN A 18 8.76 -0.49 20.36
N SER A 19 7.85 -0.76 19.43
CA SER A 19 8.21 -0.64 18.03
C SER A 19 7.60 0.61 17.42
N GLY A 20 8.41 1.32 16.65
CA GLY A 20 7.95 2.53 15.99
C GLY A 20 8.34 2.52 14.53
N GLU A 21 7.55 3.18 13.71
CA GLU A 21 7.87 3.31 12.29
CA GLU A 21 7.80 3.28 12.27
C GLU A 21 7.54 4.69 11.79
N PHE A 22 8.25 5.11 10.74
CA PHE A 22 8.08 6.43 10.17
C PHE A 22 8.23 6.28 8.66
N MET A 23 7.20 6.66 7.90
CA MET A 23 7.30 6.55 6.44
C MET A 23 6.55 7.65 5.71
N PHE A 24 6.88 7.82 4.43
CA PHE A 24 6.14 8.69 3.53
C PHE A 24 5.47 7.84 2.47
N ASP A 25 4.22 8.17 2.18
CA ASP A 25 3.38 7.42 1.26
C ASP A 25 2.94 8.42 0.18
N PHE A 26 2.97 8.00 -1.08
CA PHE A 26 2.47 8.81 -2.19
C PHE A 26 1.44 7.96 -2.92
N ASP A 27 0.18 8.38 -2.85
CA ASP A 27 -0.93 7.67 -3.49
C ASP A 27 -0.95 6.19 -3.16
N GLY A 28 -0.61 5.85 -1.93
CA GLY A 28 -0.64 4.45 -1.51
C GLY A 28 0.61 3.62 -1.76
N ASP A 29 1.66 4.24 -2.31
CA ASP A 29 2.96 3.57 -2.40
C ASP A 29 3.96 4.26 -1.50
N GLU A 30 4.94 3.49 -1.01
CA GLU A 30 5.90 4.00 -0.04
C GLU A 30 7.02 4.72 -0.75
N ILE A 31 7.30 5.97 -0.35
CA ILE A 31 8.45 6.67 -0.91
C ILE A 31 9.69 6.20 -0.19
N PHE A 32 9.66 6.28 1.15
CA PHE A 32 10.77 5.83 1.98
C PHE A 32 10.29 5.60 3.40
N HIS A 33 11.14 4.95 4.20
CA HIS A 33 10.90 4.83 5.63
C HIS A 33 12.23 4.99 6.34
N VAL A 34 12.19 5.23 7.65
CA VAL A 34 13.40 5.31 8.44
C VAL A 34 13.61 4.03 9.23
N ASP A 35 14.73 3.37 8.98
CA ASP A 35 15.16 2.24 9.78
C ASP A 35 15.58 2.82 11.12
N MET A 36 14.78 2.57 12.15
CA MET A 36 14.99 3.16 13.46
C MET A 36 16.30 2.73 14.10
N ALA A 37 16.58 1.43 14.06
CA ALA A 37 17.79 0.87 14.65
C ALA A 37 19.06 1.41 14.01
N LYS A 38 19.09 1.44 12.68
CA LYS A 38 20.27 1.94 11.97
C LYS A 38 20.24 3.46 11.80
N LYS A 39 19.08 4.07 12.08
CA LYS A 39 18.89 5.51 11.92
C LYS A 39 19.25 5.92 10.51
N GLU A 40 18.70 5.19 9.54
CA GLU A 40 18.99 5.41 8.14
C GLU A 40 17.70 5.49 7.33
N THR A 41 17.69 6.37 6.34
CA THR A 41 16.57 6.48 5.42
C THR A 41 16.68 5.37 4.38
N VAL A 42 15.60 4.61 4.22
CA VAL A 42 15.57 3.52 3.25
C VAL A 42 14.58 3.85 2.12
N TRP A 43 15.11 4.07 0.92
CA TRP A 43 14.28 4.40 -0.23
C TRP A 43 13.61 3.14 -0.78
N ARG A 44 12.32 3.24 -1.12
CA ARG A 44 11.59 2.07 -1.58
C ARG A 44 12.14 1.57 -2.91
N LEU A 45 12.45 2.52 -3.79
CA LEU A 45 13.16 2.25 -5.02
C LEU A 45 14.48 3.00 -4.97
N GLU A 46 15.57 2.31 -5.34
CA GLU A 46 16.92 2.85 -5.38
C GLU A 46 17.03 4.25 -6.00
N GLU A 47 16.39 4.42 -7.16
CA GLU A 47 16.48 5.69 -7.88
C GLU A 47 15.92 6.89 -7.12
N PHE A 48 14.97 6.66 -6.21
CA PHE A 48 14.43 7.75 -5.39
C PHE A 48 15.54 8.47 -4.63
N GLY A 49 16.46 7.70 -4.06
CA GLY A 49 17.54 8.26 -3.27
C GLY A 49 18.55 9.10 -4.03
N ARG A 50 18.55 8.99 -5.36
CA ARG A 50 19.45 9.81 -6.16
C ARG A 50 18.86 11.21 -6.43
N PHE A 51 17.56 11.37 -6.23
CA PHE A 51 16.89 12.62 -6.55
C PHE A 51 16.45 13.40 -5.31
N ALA A 52 16.41 12.72 -4.17
CA ALA A 52 15.95 13.37 -2.95
C ALA A 52 16.73 12.87 -1.75
N SER A 53 16.55 13.52 -0.62
CA SER A 53 17.17 13.06 0.60
C SER A 53 16.23 13.29 1.75
N PHE A 54 16.53 12.65 2.88
CA PHE A 54 15.81 12.88 4.11
C PHE A 54 16.75 12.64 5.28
N GLU A 55 16.77 13.58 6.22
CA GLU A 55 17.59 13.43 7.41
C GLU A 55 16.85 12.53 8.40
N ALA A 56 17.36 11.31 8.55
CA ALA A 56 16.70 10.28 9.35
C ALA A 56 16.48 10.73 10.81
N GLN A 57 17.34 11.62 11.27
CA GLN A 57 17.29 12.11 12.64
C GLN A 57 15.95 12.70 12.98
N GLY A 58 15.35 13.40 12.02
CA GLY A 58 14.01 13.97 12.18
C GLY A 58 12.94 12.97 12.56
N ALA A 59 13.05 11.74 12.07
CA ALA A 59 12.07 10.70 12.41
C ALA A 59 12.15 10.32 13.88
N LEU A 60 13.37 10.27 14.41
CA LEU A 60 13.59 9.90 15.81
C LEU A 60 12.87 10.84 16.77
N ALA A 61 12.93 12.14 16.51
CA ALA A 61 12.26 13.13 17.34
C ALA A 61 10.74 12.90 17.31
N ASN A 62 10.21 12.63 16.13
CA ASN A 62 8.78 12.36 15.98
C ASN A 62 8.34 11.09 16.72
N ILE A 63 9.14 10.04 16.61
CA ILE A 63 8.83 8.79 17.29
C ILE A 63 8.84 8.99 18.81
N ALA A 64 9.75 9.83 19.29
CA ALA A 64 9.79 10.15 20.72
C ALA A 64 8.46 10.76 21.18
N VAL A 65 7.92 11.70 20.42
CA VAL A 65 6.66 12.33 20.75
C VAL A 65 5.52 11.31 20.66
N ASP A 66 5.57 10.46 19.63
CA ASP A 66 4.57 9.40 19.49
C ASP A 66 4.53 8.52 20.74
N LYS A 67 5.70 8.12 21.22
CA LYS A 67 5.79 7.35 22.46
C LYS A 67 5.18 8.12 23.63
N ALA A 68 5.50 9.40 23.74
CA ALA A 68 4.98 10.19 24.85
C ALA A 68 3.47 10.34 24.76
N ASN A 69 2.96 10.59 23.55
CA ASN A 69 1.51 10.68 23.38
C ASN A 69 0.81 9.37 23.67
N LEU A 70 1.42 8.25 23.30
CA LEU A 70 0.83 6.95 23.58
C LEU A 70 0.62 6.73 25.09
N GLU A 71 1.63 7.08 25.90
CA GLU A 71 1.50 7.00 27.36
C GLU A 71 0.28 7.77 27.81
N ILE A 72 0.16 9.00 27.32
CA ILE A 72 -0.95 9.86 27.70
C ILE A 72 -2.31 9.28 27.28
N MET A 73 -2.42 8.87 26.02
CA MET A 73 -3.69 8.32 25.53
C MET A 73 -4.03 6.96 26.17
N THR A 74 -3.01 6.16 26.45
CA THR A 74 -3.24 4.89 27.15
C THR A 74 -3.95 5.15 28.49
N LYS A 75 -3.42 6.08 29.28
CA LYS A 75 -4.04 6.43 30.56
C LYS A 75 -5.42 7.05 30.38
N ARG A 76 -5.52 7.95 29.42
CA ARG A 76 -6.76 8.69 29.20
C ARG A 76 -7.90 7.72 28.85
N SER A 77 -7.56 6.65 28.15
CA SER A 77 -8.55 5.66 27.72
C SER A 77 -8.87 4.63 28.80
N ASN A 78 -8.29 4.81 30.00
CA ASN A 78 -8.36 3.82 31.08
C ASN A 78 -7.77 2.47 30.67
N TYR A 79 -6.61 2.53 30.00
CA TYR A 79 -5.85 1.35 29.59
C TYR A 79 -6.66 0.39 28.72
N THR A 80 -7.46 0.95 27.83
CA THR A 80 -8.22 0.18 26.84
C THR A 80 -7.29 -0.24 25.72
N PRO A 81 -7.07 -1.56 25.58
CA PRO A 81 -6.12 -2.10 24.61
C PRO A 81 -6.73 -2.17 23.21
N ILE A 82 -5.89 -2.41 22.22
CA ILE A 82 -6.34 -2.55 20.84
C ILE A 82 -7.04 -3.90 20.66
N THR A 83 -8.03 -3.93 19.76
CA THR A 83 -8.69 -5.18 19.43
C THR A 83 -7.96 -5.73 18.20
N ASN A 84 -7.55 -7.00 18.26
CA ASN A 84 -6.85 -7.59 17.11
C ASN A 84 -7.79 -7.66 15.90
N VAL A 85 -7.28 -7.26 14.75
CA VAL A 85 -7.98 -7.45 13.49
C VAL A 85 -7.08 -8.31 12.61
N PRO A 86 -7.46 -9.58 12.39
CA PRO A 86 -6.62 -10.50 11.62
C PRO A 86 -6.57 -10.14 10.15
N PRO A 87 -5.46 -10.47 9.46
CA PRO A 87 -5.30 -10.09 8.05
C PRO A 87 -6.03 -10.97 7.05
N GLU A 88 -6.34 -10.40 5.89
CA GLU A 88 -6.66 -11.14 4.68
C GLU A 88 -5.35 -11.33 3.95
N VAL A 89 -5.14 -12.52 3.41
CA VAL A 89 -3.86 -12.84 2.79
C VAL A 89 -4.08 -13.34 1.37
N THR A 90 -3.33 -12.79 0.43
CA THR A 90 -3.42 -13.16 -0.97
C THR A 90 -2.02 -13.49 -1.49
N VAL A 91 -1.91 -14.56 -2.26
CA VAL A 91 -0.67 -14.90 -2.93
C VAL A 91 -0.84 -14.81 -4.45
N LEU A 92 0.01 -14.02 -5.10
CA LEU A 92 -0.06 -13.90 -6.54
C LEU A 92 1.35 -13.82 -7.11
N THR A 93 1.49 -13.93 -8.42
CA THR A 93 2.77 -13.71 -9.05
C THR A 93 2.75 -12.32 -9.66
N ASN A 94 3.90 -11.74 -9.93
CA ASN A 94 3.91 -10.41 -10.49
C ASN A 94 3.80 -10.42 -12.02
N SER A 95 4.06 -11.58 -12.62
CA SER A 95 3.94 -11.75 -14.07
C SER A 95 3.25 -13.07 -14.39
N PRO A 96 2.64 -13.17 -15.57
CA PRO A 96 2.12 -14.48 -16.01
C PRO A 96 3.21 -15.54 -15.92
N VAL A 97 2.85 -16.72 -15.46
CA VAL A 97 3.85 -17.75 -15.17
C VAL A 97 4.22 -18.57 -16.39
N GLU A 98 5.52 -18.70 -16.61
CA GLU A 98 6.06 -19.55 -17.66
C GLU A 98 7.07 -20.49 -17.03
N LEU A 99 6.97 -21.78 -17.33
CA LEU A 99 7.93 -22.76 -16.81
C LEU A 99 9.37 -22.35 -17.06
N ARG A 100 10.18 -22.43 -16.01
CA ARG A 100 11.62 -22.14 -16.08
C ARG A 100 11.95 -20.67 -16.41
N GLU A 101 10.96 -19.78 -16.33
CA GLU A 101 11.21 -18.36 -16.48
C GLU A 101 11.05 -17.64 -15.15
N PRO A 102 12.13 -17.01 -14.67
CA PRO A 102 12.17 -16.32 -13.37
C PRO A 102 10.93 -15.46 -13.13
N ASN A 103 10.35 -15.61 -11.95
CA ASN A 103 9.17 -14.86 -11.59
C ASN A 103 9.28 -14.51 -10.12
N VAL A 104 8.26 -13.86 -9.57
CA VAL A 104 8.27 -13.46 -8.17
C VAL A 104 6.91 -13.77 -7.54
N LEU A 105 6.90 -14.52 -6.45
CA LEU A 105 5.67 -14.68 -5.69
C LEU A 105 5.48 -13.48 -4.77
N ILE A 106 4.27 -12.96 -4.74
CA ILE A 106 3.92 -11.86 -3.83
C ILE A 106 2.92 -12.35 -2.79
N CYS A 107 3.24 -12.10 -1.52
CA CYS A 107 2.30 -12.37 -0.46
C CYS A 107 1.78 -11.04 0.07
N PHE A 108 0.50 -10.79 -0.16
CA PHE A 108 -0.13 -9.55 0.23
C PHE A 108 -0.91 -9.75 1.51
N ILE A 109 -0.50 -9.01 2.54
CA ILE A 109 -1.11 -9.15 3.85
C ILE A 109 -1.82 -7.83 4.15
N ASP A 110 -3.14 -7.88 4.35
CA ASP A 110 -3.97 -6.69 4.28
C ASP A 110 -4.97 -6.59 5.44
N LYS A 111 -5.35 -5.37 5.76
CA LYS A 111 -6.47 -5.06 6.67
C LYS A 111 -6.30 -5.64 8.06
N PHE A 112 -5.14 -5.42 8.66
CA PHE A 112 -4.91 -5.96 10.00
C PHE A 112 -4.33 -4.94 10.96
N THR A 113 -4.46 -5.24 12.25
CA THR A 113 -3.83 -4.48 13.31
C THR A 113 -3.89 -5.36 14.56
N PRO A 114 -2.91 -5.20 15.48
CA PRO A 114 -1.76 -4.29 15.45
C PRO A 114 -0.72 -4.64 14.36
N PRO A 115 0.17 -3.68 14.03
CA PRO A 115 1.22 -3.91 13.01
C PRO A 115 2.33 -4.85 13.48
N VAL A 116 2.01 -6.12 13.66
CA VAL A 116 2.98 -7.15 14.05
C VAL A 116 2.55 -8.45 13.43
N VAL A 117 3.43 -9.07 12.64
CA VAL A 117 3.14 -10.38 12.01
C VAL A 117 4.42 -11.19 11.88
N ASN A 118 4.27 -12.52 11.84
CA ASN A 118 5.36 -13.42 11.48
C ASN A 118 5.00 -14.06 10.15
N VAL A 119 5.85 -13.85 9.15
CA VAL A 119 5.58 -14.31 7.78
C VAL A 119 6.68 -15.26 7.31
N THR A 120 6.28 -16.44 6.87
CA THR A 120 7.23 -17.42 6.36
C THR A 120 6.83 -17.88 4.96
N TRP A 121 7.80 -17.95 4.07
CA TRP A 121 7.60 -18.62 2.79
C TRP A 121 7.97 -20.09 2.94
N LEU A 122 7.13 -20.96 2.38
CA LEU A 122 7.35 -22.39 2.41
C LEU A 122 7.42 -22.91 0.98
N ARG A 123 8.48 -23.66 0.67
CA ARG A 123 8.58 -24.36 -0.60
C ARG A 123 8.49 -25.85 -0.29
N ASN A 124 7.46 -26.51 -0.82
CA ASN A 124 7.18 -27.90 -0.50
C ASN A 124 7.18 -28.14 1.00
N GLY A 125 6.53 -27.23 1.73
CA GLY A 125 6.36 -27.36 3.16
C GLY A 125 7.59 -27.01 3.99
N LYS A 126 8.66 -26.57 3.34
CA LYS A 126 9.89 -26.20 4.05
C LYS A 126 10.15 -24.69 3.98
N PRO A 127 10.57 -24.08 5.11
CA PRO A 127 10.79 -22.63 5.09
C PRO A 127 11.90 -22.29 4.11
N VAL A 128 11.72 -21.21 3.35
CA VAL A 128 12.79 -20.73 2.47
C VAL A 128 12.99 -19.24 2.65
N THR A 129 14.24 -18.80 2.54
CA THR A 129 14.59 -17.41 2.80
C THR A 129 15.54 -16.83 1.75
N THR A 130 15.92 -17.63 0.77
CA THR A 130 16.85 -17.15 -0.24
C THR A 130 16.20 -16.11 -1.14
N GLY A 131 16.73 -14.90 -1.07
CA GLY A 131 16.31 -13.83 -1.95
C GLY A 131 14.99 -13.20 -1.57
N VAL A 132 14.43 -13.60 -0.43
CA VAL A 132 13.16 -13.00 -0.01
C VAL A 132 13.35 -11.55 0.39
N SER A 133 12.27 -10.78 0.34
CA SER A 133 12.29 -9.39 0.77
C SER A 133 10.91 -9.03 1.27
N GLU A 134 10.78 -7.86 1.89
CA GLU A 134 9.51 -7.43 2.43
C GLU A 134 9.45 -5.91 2.54
N THR A 135 8.24 -5.38 2.67
CA THR A 135 8.07 -3.96 2.98
C THR A 135 7.86 -3.81 4.48
N VAL A 136 7.91 -2.57 4.95
CA VAL A 136 7.47 -2.28 6.32
C VAL A 136 5.94 -2.28 6.37
N PHE A 137 5.36 -1.90 7.51
CA PHE A 137 3.91 -1.82 7.58
C PHE A 137 3.39 -0.57 6.88
N LEU A 138 2.44 -0.75 5.97
CA LEU A 138 1.93 0.37 5.20
C LEU A 138 0.54 0.77 5.68
N PRO A 139 0.28 2.08 5.75
CA PRO A 139 -0.99 2.60 6.28
C PRO A 139 -2.17 2.36 5.35
N ARG A 140 -3.35 2.16 5.93
CA ARG A 140 -4.58 2.09 5.15
C ARG A 140 -5.44 3.29 5.55
N GLU A 141 -6.36 3.68 4.67
CA GLU A 141 -7.25 4.80 4.97
C GLU A 141 -8.20 4.51 6.13
N ASP A 142 -8.39 3.24 6.45
CA ASP A 142 -9.21 2.87 7.60
C ASP A 142 -8.34 2.66 8.85
N HIS A 143 -7.06 2.99 8.72
CA HIS A 143 -6.09 3.05 9.81
C HIS A 143 -5.66 1.68 10.35
N LEU A 144 -5.99 0.67 9.57
CA LEU A 144 -5.38 -0.64 9.71
C LEU A 144 -4.10 -0.62 8.88
N PHE A 145 -3.49 -1.79 8.69
CA PHE A 145 -2.21 -1.87 7.98
C PHE A 145 -2.20 -2.90 6.86
N ARG A 146 -1.22 -2.74 5.96
CA ARG A 146 -0.99 -3.76 4.96
CA ARG A 146 -0.98 -3.69 4.88
C ARG A 146 0.51 -3.94 4.80
N LYS A 147 0.91 -5.05 4.17
CA LYS A 147 2.32 -5.41 4.07
C LYS A 147 2.53 -6.35 2.89
N PHE A 148 3.71 -6.30 2.27
CA PHE A 148 4.03 -7.22 1.17
C PHE A 148 5.27 -8.04 1.50
N HIS A 149 5.25 -9.31 1.12
CA HIS A 149 6.45 -10.15 1.16
C HIS A 149 6.73 -10.71 -0.23
N TYR A 150 8.00 -10.92 -0.55
CA TYR A 150 8.39 -11.28 -1.90
C TYR A 150 9.31 -12.50 -1.94
N LEU A 151 9.08 -13.37 -2.91
CA LEU A 151 9.92 -14.53 -3.08
C LEU A 151 10.19 -14.77 -4.56
N PRO A 152 11.37 -14.38 -5.04
CA PRO A 152 11.74 -14.73 -6.42
C PRO A 152 11.80 -16.25 -6.55
N PHE A 153 11.35 -16.77 -7.68
CA PHE A 153 11.37 -18.22 -7.88
C PHE A 153 11.41 -18.58 -9.35
N LEU A 154 11.69 -19.84 -9.60
CA LEU A 154 11.71 -20.39 -10.94
C LEU A 154 10.59 -21.43 -11.04
N PRO A 155 9.52 -21.09 -11.77
CA PRO A 155 8.33 -21.94 -11.83
C PRO A 155 8.65 -23.33 -12.34
N SER A 156 8.07 -24.33 -11.68
CA SER A 156 8.21 -25.71 -12.11
C SER A 156 6.91 -26.44 -11.76
N THR A 157 6.70 -27.60 -12.38
CA THR A 157 5.56 -28.43 -12.03
C THR A 157 5.83 -29.16 -10.72
N GLU A 158 7.08 -29.13 -10.29
CA GLU A 158 7.51 -29.87 -9.11
C GLU A 158 7.13 -29.15 -7.81
N ASP A 159 7.46 -27.87 -7.72
CA ASP A 159 7.37 -27.13 -6.48
C ASP A 159 6.00 -26.53 -6.23
N VAL A 160 5.59 -26.55 -4.96
CA VAL A 160 4.43 -25.80 -4.51
C VAL A 160 4.90 -24.85 -3.42
N TYR A 161 4.18 -23.75 -3.25
CA TYR A 161 4.58 -22.73 -2.30
C TYR A 161 3.40 -22.35 -1.41
N ASP A 162 3.72 -21.90 -0.20
CA ASP A 162 2.73 -21.29 0.69
C ASP A 162 3.32 -20.06 1.35
N CYS A 163 2.50 -19.03 1.52
CA CYS A 163 2.86 -17.92 2.39
C CYS A 163 2.15 -18.17 3.70
N ARG A 164 2.93 -18.28 4.78
CA ARG A 164 2.34 -18.56 6.09
C ARG A 164 2.36 -17.32 6.94
N VAL A 165 1.19 -16.90 7.39
CA VAL A 165 1.10 -15.67 8.15
C VAL A 165 0.60 -15.92 9.57
N GLU A 166 1.35 -15.46 10.56
CA GLU A 166 0.91 -15.51 11.95
C GLU A 166 0.59 -14.12 12.47
N HIS A 167 -0.56 -13.98 13.13
CA HIS A 167 -1.00 -12.73 13.71
C HIS A 167 -1.84 -13.03 14.95
N TRP A 168 -1.76 -12.17 15.97
CA TRP A 168 -2.51 -12.40 17.21
C TRP A 168 -4.03 -12.50 17.03
N GLY A 169 -4.56 -11.94 15.94
CA GLY A 169 -5.98 -12.04 15.63
C GLY A 169 -6.39 -13.37 15.03
N LEU A 170 -5.40 -14.20 14.69
CA LEU A 170 -5.64 -15.52 14.09
C LEU A 170 -5.50 -16.62 15.13
N ASP A 171 -6.41 -17.60 15.10
CA ASP A 171 -6.31 -18.74 16.01
C ASP A 171 -5.19 -19.70 15.61
N GLU A 172 -4.97 -19.84 14.31
CA GLU A 172 -3.92 -20.71 13.79
C GLU A 172 -3.29 -19.99 12.63
N PRO A 173 -2.04 -20.34 12.29
CA PRO A 173 -1.37 -19.66 11.18
C PRO A 173 -2.20 -19.77 9.91
N LEU A 174 -2.18 -18.72 9.10
CA LEU A 174 -2.94 -18.69 7.87
C LEU A 174 -1.99 -19.03 6.72
N LEU A 175 -2.30 -20.07 5.96
CA LEU A 175 -1.47 -20.45 4.82
C LEU A 175 -2.20 -20.21 3.50
N LYS A 176 -1.58 -19.44 2.61
CA LYS A 176 -2.14 -19.23 1.28
C LYS A 176 -1.25 -19.89 0.23
N HIS A 177 -1.85 -20.73 -0.59
CA HIS A 177 -1.11 -21.68 -1.42
C HIS A 177 -0.87 -21.13 -2.81
N TRP A 178 0.22 -21.56 -3.43
CA TRP A 178 0.39 -21.34 -4.86
C TRP A 178 1.04 -22.56 -5.52
N GLU A 179 0.53 -22.97 -6.67
CA GLU A 179 1.22 -23.96 -7.48
C GLU A 179 1.00 -23.67 -8.96
N PHE A 180 1.81 -24.28 -9.81
CA PHE A 180 1.73 -24.06 -11.25
C PHE A 180 0.36 -24.42 -11.81
N ASP A 181 -0.26 -23.46 -12.49
CA ASP A 181 -1.57 -23.65 -13.11
C ASP A 181 -1.40 -24.40 -14.43
N THR A 182 -2.16 -25.49 -14.62
CA THR A 182 -2.05 -26.33 -15.81
C THR A 182 -3.06 -25.96 -16.91
N SER A 183 -2.75 -24.90 -17.65
CA SER A 183 -3.53 -24.47 -18.82
C SER A 183 -5.00 -24.19 -18.53
N GLY A 184 -5.32 -23.88 -17.27
CA GLY A 184 -6.69 -23.65 -16.87
C GLY A 184 -6.95 -22.29 -16.26
N ASP B 4 1.59 -14.80 22.96
CA ASP B 4 1.71 -13.48 23.58
C ASP B 4 0.35 -12.80 23.63
N THR B 5 -0.31 -12.90 24.77
CA THR B 5 -1.60 -12.28 24.95
C THR B 5 -1.53 -10.97 25.72
N ARG B 6 -0.32 -10.42 25.90
CA ARG B 6 -0.21 -9.11 26.55
C ARG B 6 -0.98 -8.10 25.72
N PRO B 7 -1.74 -7.22 26.37
CA PRO B 7 -2.49 -6.20 25.63
C PRO B 7 -1.56 -5.23 24.89
N ARG B 8 -2.03 -4.75 23.74
CA ARG B 8 -1.25 -3.82 22.93
C ARG B 8 -1.94 -2.47 22.91
N PHE B 9 -1.14 -1.42 22.77
CA PHE B 9 -1.64 -0.06 22.70
C PHE B 9 -0.89 0.65 21.56
N LEU B 10 -1.64 1.27 20.66
CA LEU B 10 -1.06 1.79 19.42
C LEU B 10 -1.36 3.28 19.27
N GLU B 11 -0.33 4.07 19.00
CA GLU B 11 -0.52 5.47 18.66
C GLU B 11 -0.15 5.64 17.21
N GLN B 12 -0.96 6.35 16.43
CA GLN B 12 -0.58 6.69 15.06
C GLN B 12 -0.73 8.18 14.81
N VAL B 13 0.09 8.69 13.89
CA VAL B 13 -0.08 10.05 13.40
C VAL B 13 0.05 10.02 11.91
N LYS B 14 -0.81 10.78 11.24
CA LYS B 14 -0.75 10.89 9.79
C LYS B 14 -0.78 12.36 9.44
N HIS B 15 0.31 12.86 8.86
CA HIS B 15 0.37 14.23 8.39
C HIS B 15 0.09 14.18 6.90
N GLU B 16 -1.08 14.65 6.48
CA GLU B 16 -1.55 14.44 5.11
C GLU B 16 -1.54 15.70 4.27
N CYS B 17 -1.07 15.55 3.04
CA CYS B 17 -1.09 16.64 2.08
C CYS B 17 -1.91 16.25 0.87
N HIS B 18 -3.00 16.97 0.64
CA HIS B 18 -3.90 16.64 -0.47
C HIS B 18 -3.81 17.70 -1.55
N PHE B 19 -3.48 17.27 -2.77
CA PHE B 19 -3.23 18.20 -3.85
C PHE B 19 -4.32 18.13 -4.94
N PHE B 20 -4.76 19.30 -5.39
CA PHE B 20 -5.76 19.39 -6.44
C PHE B 20 -5.18 20.33 -7.51
N ASN B 21 -5.22 19.90 -8.76
CA ASN B 21 -4.70 20.70 -9.87
C ASN B 21 -3.25 21.12 -9.64
N GLY B 22 -2.36 20.13 -9.53
CA GLY B 22 -0.97 20.40 -9.23
C GLY B 22 -0.85 20.90 -7.81
N THR B 23 -0.28 22.08 -7.62
CA THR B 23 -0.23 22.67 -6.29
C THR B 23 -1.07 23.94 -6.20
N GLU B 24 -2.04 24.08 -7.10
CA GLU B 24 -2.95 25.21 -7.07
C GLU B 24 -3.83 25.20 -5.82
N ARG B 25 -4.40 24.03 -5.51
CA ARG B 25 -5.19 23.89 -4.28
C ARG B 25 -4.57 22.80 -3.41
N VAL B 26 -4.28 23.14 -2.16
CA VAL B 26 -3.65 22.19 -1.26
C VAL B 26 -4.33 22.21 0.10
N ARG B 27 -4.62 21.03 0.64
CA ARG B 27 -5.21 20.90 1.96
C ARG B 27 -4.34 20.01 2.84
N PHE B 28 -4.10 20.45 4.07
CA PHE B 28 -3.24 19.74 5.01
C PHE B 28 -4.04 19.27 6.21
N LEU B 29 -3.77 18.04 6.64
CA LEU B 29 -4.42 17.48 7.83
C LEU B 29 -3.35 16.92 8.77
N ASP B 30 -3.48 17.26 10.05
CA ASP B 30 -2.59 16.75 11.09
C ASP B 30 -3.48 15.85 11.93
N ARG B 31 -3.34 14.54 11.77
CA ARG B 31 -4.30 13.55 12.28
C ARG B 31 -3.69 12.65 13.32
N TYR B 32 -4.36 12.50 14.46
CA TYR B 32 -3.81 11.72 15.58
C TYR B 32 -4.77 10.58 15.94
N PHE B 33 -4.22 9.37 16.10
CA PHE B 33 -5.05 8.18 16.29
C PHE B 33 -4.62 7.36 17.49
N TYR B 34 -5.61 6.78 18.18
CA TYR B 34 -5.35 5.85 19.25
C TYR B 34 -5.98 4.55 18.81
N HIS B 35 -5.14 3.53 18.64
CA HIS B 35 -5.51 2.29 17.94
C HIS B 35 -5.90 2.67 16.50
N GLN B 36 -7.17 2.50 16.10
CA GLN B 36 -7.60 2.96 14.77
C GLN B 36 -8.57 4.15 14.85
N GLU B 37 -8.69 4.74 16.04
CA GLU B 37 -9.68 5.81 16.25
C GLU B 37 -9.00 7.19 16.18
N GLU B 38 -9.32 7.97 15.15
CA GLU B 38 -8.84 9.34 15.08
C GLU B 38 -9.46 10.11 16.25
N TYR B 39 -8.64 10.76 17.08
CA TYR B 39 -9.22 11.47 18.21
C TYR B 39 -9.17 13.00 18.12
N VAL B 40 -8.23 13.52 17.33
CA VAL B 40 -8.12 14.98 17.16
C VAL B 40 -7.44 15.24 15.82
N ARG B 41 -7.75 16.37 15.20
CA ARG B 41 -7.17 16.71 13.91
C ARG B 41 -7.12 18.22 13.68
N PHE B 42 -6.07 18.63 12.99
CA PHE B 42 -6.00 19.98 12.46
C PHE B 42 -6.31 19.87 10.97
N ASP B 43 -7.24 20.69 10.51
CA ASP B 43 -7.61 20.76 9.10
C ASP B 43 -7.29 22.19 8.66
N SER B 44 -6.48 22.32 7.61
CA SER B 44 -6.14 23.65 7.11
C SER B 44 -7.37 24.44 6.64
N ASP B 45 -8.45 23.73 6.30
CA ASP B 45 -9.73 24.39 5.97
C ASP B 45 -10.27 25.19 7.17
N VAL B 46 -9.89 24.77 8.36
CA VAL B 46 -10.36 25.40 9.60
C VAL B 46 -9.28 26.29 10.24
N GLY B 47 -8.06 25.76 10.33
CA GLY B 47 -6.96 26.50 10.92
C GLY B 47 -6.82 26.32 12.42
N GLU B 48 -7.57 25.37 12.99
CA GLU B 48 -7.43 25.01 14.41
C GLU B 48 -7.63 23.51 14.53
N TYR B 49 -7.20 22.94 15.65
CA TYR B 49 -7.50 21.55 15.94
C TYR B 49 -8.95 21.44 16.38
N ARG B 50 -9.57 20.32 16.04
CA ARG B 50 -10.91 20.00 16.48
CA ARG B 50 -10.91 20.00 16.48
C ARG B 50 -10.91 18.57 16.98
N ALA B 51 -11.53 18.33 18.12
CA ALA B 51 -11.64 16.99 18.66
C ALA B 51 -12.50 16.18 17.69
N VAL B 52 -12.07 14.97 17.35
CA VAL B 52 -12.88 14.11 16.49
C VAL B 52 -13.75 13.22 17.37
N THR B 53 -13.21 12.87 18.53
CA THR B 53 -13.97 12.16 19.54
C THR B 53 -13.69 12.86 20.86
N GLU B 54 -14.43 12.46 21.89
CA GLU B 54 -14.29 13.04 23.21
C GLU B 54 -12.88 12.84 23.75
N LEU B 55 -12.27 11.72 23.38
CA LEU B 55 -10.89 11.42 23.73
C LEU B 55 -9.89 12.54 23.36
N GLY B 56 -10.20 13.30 22.32
CA GLY B 56 -9.28 14.31 21.82
C GLY B 56 -9.54 15.72 22.28
N ARG B 57 -10.59 15.92 23.08
CA ARG B 57 -10.91 17.27 23.55
C ARG B 57 -9.78 17.98 24.29
N PRO B 58 -9.05 17.29 25.19
CA PRO B 58 -7.96 17.98 25.88
C PRO B 58 -6.85 18.45 24.94
N ASP B 59 -6.56 17.66 23.92
CA ASP B 59 -5.49 18.01 22.99
C ASP B 59 -5.91 19.21 22.13
N ALA B 60 -7.16 19.18 21.66
CA ALA B 60 -7.72 20.29 20.90
C ALA B 60 -7.59 21.60 21.68
N GLU B 61 -8.10 21.64 22.90
CA GLU B 61 -8.03 22.84 23.73
C GLU B 61 -6.59 23.28 24.01
N TYR B 62 -5.72 22.34 24.33
CA TYR B 62 -4.35 22.67 24.69
C TYR B 62 -3.57 23.20 23.49
N TRP B 63 -3.64 22.49 22.37
CA TRP B 63 -2.89 22.91 21.19
C TRP B 63 -3.45 24.21 20.61
N ASN B 64 -4.78 24.38 20.65
CA ASN B 64 -5.38 25.63 20.17
C ASN B 64 -4.99 26.85 21.02
N SER B 65 -4.54 26.61 22.24
CA SER B 65 -4.11 27.70 23.10
C SER B 65 -2.70 28.18 22.77
N GLN B 66 -2.01 27.43 21.91
CA GLN B 66 -0.65 27.79 21.57
C GLN B 66 -0.62 28.36 20.15
N LYS B 67 -0.60 29.68 20.05
CA LYS B 67 -0.70 30.31 18.74
C LYS B 67 0.51 30.05 17.86
N ASP B 68 1.69 29.90 18.47
CA ASP B 68 2.88 29.59 17.68
C ASP B 68 2.77 28.22 17.03
N LEU B 69 2.26 27.27 17.80
CA LEU B 69 2.02 25.92 17.30
C LEU B 69 1.03 25.95 16.15
N LEU B 70 -0.09 26.65 16.35
CA LEU B 70 -1.09 26.79 15.28
C LEU B 70 -0.51 27.42 14.01
N GLU B 71 0.35 28.43 14.15
CA GLU B 71 0.93 29.03 12.96
C GLU B 71 1.85 28.09 12.18
N GLN B 72 2.53 27.18 12.87
CA GLN B 72 3.30 26.13 12.18
C GLN B 72 2.37 25.28 11.32
N LYS B 73 1.22 24.94 11.89
CA LYS B 73 0.28 24.09 11.21
C LYS B 73 -0.43 24.84 10.08
N ARG B 74 -0.74 26.11 10.31
CA ARG B 74 -1.35 26.96 9.29
C ARG B 74 -0.46 27.20 8.08
N ALA B 75 0.85 27.18 8.27
CA ALA B 75 1.75 27.42 7.15
C ALA B 75 2.18 26.13 6.45
N ALA B 76 1.82 24.98 7.04
CA ALA B 76 2.22 23.68 6.49
C ALA B 76 1.90 23.44 5.00
N VAL B 77 0.74 23.90 4.52
CA VAL B 77 0.41 23.74 3.09
C VAL B 77 1.54 24.30 2.21
N ASP B 78 2.20 25.36 2.68
CA ASP B 78 3.29 25.98 1.93
C ASP B 78 4.65 25.38 2.25
N THR B 79 5.02 25.39 3.54
CA THR B 79 6.35 24.97 3.95
C THR B 79 6.58 23.45 3.94
N TYR B 80 5.51 22.68 3.99
CA TYR B 80 5.61 21.23 4.12
C TYR B 80 5.02 20.55 2.89
N CYS B 81 3.73 20.80 2.64
CA CYS B 81 3.03 20.18 1.53
C CYS B 81 3.58 20.56 0.16
N ARG B 82 3.54 21.85 -0.19
CA ARG B 82 4.02 22.28 -1.50
C ARG B 82 5.51 21.97 -1.65
N HIS B 83 6.26 22.16 -0.57
CA HIS B 83 7.69 21.83 -0.58
C HIS B 83 7.96 20.36 -0.92
N ASN B 84 7.36 19.46 -0.16
CA ASN B 84 7.60 18.05 -0.37
C ASN B 84 7.09 17.54 -1.71
N TYR B 85 5.99 18.12 -2.21
CA TYR B 85 5.49 17.79 -3.53
C TYR B 85 6.59 18.07 -4.54
N GLY B 86 7.20 19.24 -4.41
CA GLY B 86 8.26 19.67 -5.31
C GLY B 86 9.44 18.71 -5.28
N VAL B 87 9.80 18.26 -4.09
CA VAL B 87 10.95 17.39 -3.91
C VAL B 87 10.83 16.10 -4.72
N GLY B 88 9.66 15.46 -4.66
CA GLY B 88 9.50 14.16 -5.31
C GLY B 88 8.77 14.16 -6.64
N GLU B 89 8.35 15.34 -7.10
CA GLU B 89 7.51 15.45 -8.30
C GLU B 89 8.01 14.63 -9.49
N SER B 90 9.33 14.68 -9.73
CA SER B 90 9.94 14.04 -10.89
C SER B 90 9.81 12.51 -10.91
N PHE B 91 9.78 11.88 -9.74
CA PHE B 91 9.74 10.42 -9.70
C PHE B 91 8.46 9.87 -9.07
N THR B 92 7.50 10.74 -8.80
CA THR B 92 6.21 10.30 -8.28
C THR B 92 5.07 10.75 -9.18
N VAL B 93 4.76 12.05 -9.13
CA VAL B 93 3.76 12.66 -9.98
C VAL B 93 4.00 12.35 -11.46
N GLN B 94 5.26 12.43 -11.89
CA GLN B 94 5.58 12.21 -13.31
C GLN B 94 5.99 10.78 -13.65
N ARG B 95 5.87 9.86 -12.69
CA ARG B 95 6.16 8.47 -12.97
C ARG B 95 5.14 7.86 -13.94
N ARG B 96 5.65 7.27 -15.01
CA ARG B 96 4.84 6.60 -16.03
C ARG B 96 5.55 5.32 -16.44
N VAL B 97 4.91 4.18 -16.18
CA VAL B 97 5.45 2.89 -16.57
C VAL B 97 4.37 2.17 -17.37
N TYR B 98 4.66 1.85 -18.63
CA TYR B 98 3.62 1.27 -19.47
C TYR B 98 3.38 -0.20 -19.15
N PRO B 99 2.14 -0.68 -19.39
CA PRO B 99 1.84 -2.07 -19.04
C PRO B 99 2.38 -3.08 -20.05
N GLU B 100 2.74 -4.27 -19.57
CA GLU B 100 2.97 -5.41 -20.46
C GLU B 100 1.66 -6.16 -20.57
N VAL B 101 1.26 -6.52 -21.78
CA VAL B 101 -0.07 -7.08 -21.97
C VAL B 101 0.04 -8.45 -22.62
N THR B 102 -0.57 -9.45 -21.98
CA THR B 102 -0.53 -10.84 -22.43
C THR B 102 -1.96 -11.37 -22.51
N VAL B 103 -2.24 -12.21 -23.50
CA VAL B 103 -3.54 -12.87 -23.55
C VAL B 103 -3.34 -14.38 -23.59
N TYR B 104 -4.00 -15.11 -22.70
CA TYR B 104 -3.92 -16.57 -22.74
C TYR B 104 -5.27 -17.20 -22.39
N PRO B 105 -5.51 -18.43 -22.85
CA PRO B 105 -6.79 -19.11 -22.56
C PRO B 105 -6.81 -19.76 -21.18
N ALA B 106 -8.00 -19.93 -20.63
CA ALA B 106 -8.14 -20.55 -19.32
C ALA B 106 -9.48 -21.27 -19.26
N LYS B 107 -9.82 -21.80 -18.09
CA LYS B 107 -11.04 -22.57 -17.94
C LYS B 107 -11.81 -22.15 -16.70
N THR B 108 -13.12 -21.96 -16.84
CA THR B 108 -13.96 -21.72 -15.67
C THR B 108 -13.97 -22.95 -14.76
N GLN B 109 -13.98 -24.14 -15.36
CA GLN B 109 -13.86 -25.40 -14.64
C GLN B 109 -12.80 -26.28 -15.31
N PRO B 110 -11.86 -26.82 -14.51
CA PRO B 110 -10.66 -27.47 -15.05
C PRO B 110 -10.89 -28.65 -16.02
N LEU B 111 -12.05 -29.29 -15.95
CA LEU B 111 -12.33 -30.44 -16.80
C LEU B 111 -12.98 -30.05 -18.14
N GLN B 112 -13.38 -28.78 -18.24
CA GLN B 112 -13.99 -28.26 -19.46
C GLN B 112 -12.95 -27.87 -20.50
N HIS B 113 -13.38 -27.64 -21.74
CA HIS B 113 -12.51 -27.02 -22.73
C HIS B 113 -12.36 -25.55 -22.38
N HIS B 114 -11.32 -24.91 -22.91
CA HIS B 114 -11.04 -23.50 -22.66
C HIS B 114 -12.25 -22.63 -22.94
N ASN B 115 -12.67 -21.87 -21.94
CA ASN B 115 -13.84 -21.00 -22.08
C ASN B 115 -13.62 -19.66 -21.37
N LEU B 116 -12.36 -19.34 -21.13
CA LEU B 116 -11.97 -18.07 -20.53
C LEU B 116 -10.80 -17.50 -21.30
N LEU B 117 -10.90 -16.24 -21.70
CA LEU B 117 -9.74 -15.55 -22.23
C LEU B 117 -9.21 -14.56 -21.20
N VAL B 118 -7.96 -14.73 -20.80
CA VAL B 118 -7.37 -13.86 -19.80
C VAL B 118 -6.56 -12.76 -20.47
N CYS B 119 -6.88 -11.51 -20.17
CA CYS B 119 -6.02 -10.42 -20.58
C CYS B 119 -5.23 -9.97 -19.35
N SER B 120 -3.95 -10.33 -19.32
CA SER B 120 -3.11 -10.02 -18.17
C SER B 120 -2.36 -8.72 -18.45
N VAL B 121 -2.58 -7.72 -17.59
CA VAL B 121 -1.97 -6.42 -17.77
C VAL B 121 -1.03 -6.18 -16.60
N ASN B 122 0.26 -6.10 -16.87
CA ASN B 122 1.26 -6.16 -15.79
C ASN B 122 2.25 -5.02 -15.77
N GLY B 123 2.61 -4.59 -14.57
CA GLY B 123 3.74 -3.70 -14.38
C GLY B 123 3.54 -2.22 -14.62
N PHE B 124 2.29 -1.77 -14.65
CA PHE B 124 2.02 -0.38 -15.01
C PHE B 124 1.97 0.58 -13.82
N TYR B 125 2.23 1.85 -14.10
CA TYR B 125 2.04 2.92 -13.12
C TYR B 125 1.69 4.20 -13.87
N PRO B 126 0.72 4.99 -13.38
CA PRO B 126 -0.06 4.87 -12.14
C PRO B 126 -1.22 3.90 -12.31
N GLY B 127 -2.13 3.88 -11.34
CA GLY B 127 -3.13 2.84 -11.24
C GLY B 127 -4.29 2.88 -12.22
N SER B 128 -4.66 4.07 -12.67
CA SER B 128 -5.86 4.21 -13.50
C SER B 128 -5.64 3.58 -14.86
N ILE B 129 -6.53 2.65 -15.22
CA ILE B 129 -6.40 1.91 -16.47
C ILE B 129 -7.78 1.47 -16.95
N GLU B 130 -7.92 1.34 -18.26
CA GLU B 130 -9.16 0.86 -18.84
C GLU B 130 -8.83 -0.31 -19.76
N VAL B 131 -9.50 -1.44 -19.53
CA VAL B 131 -9.25 -2.65 -20.30
C VAL B 131 -10.58 -3.14 -20.86
N ARG B 132 -10.64 -3.29 -22.18
CA ARG B 132 -11.86 -3.70 -22.86
C ARG B 132 -11.60 -4.89 -23.77
N TRP B 133 -12.59 -5.77 -23.89
CA TRP B 133 -12.51 -6.93 -24.78
C TRP B 133 -13.36 -6.72 -26.02
N PHE B 134 -12.84 -7.17 -27.16
CA PHE B 134 -13.54 -7.08 -28.43
C PHE B 134 -13.58 -8.44 -29.12
N ARG B 135 -14.70 -8.75 -29.75
CA ARG B 135 -14.82 -9.93 -30.61
C ARG B 135 -15.15 -9.42 -32.01
N ASN B 136 -14.27 -9.67 -32.96
CA ASN B 136 -14.46 -9.21 -34.33
C ASN B 136 -14.76 -7.73 -34.43
N GLY B 137 -14.02 -6.92 -33.66
CA GLY B 137 -14.14 -5.48 -33.75
C GLY B 137 -15.34 -4.91 -33.02
N GLN B 138 -16.14 -5.77 -32.41
CA GLN B 138 -17.27 -5.34 -31.58
C GLN B 138 -16.92 -5.52 -30.11
N GLU B 139 -17.21 -4.53 -29.29
CA GLU B 139 -16.91 -4.69 -27.88
C GLU B 139 -17.83 -5.71 -27.24
N GLU B 140 -17.24 -6.58 -26.43
CA GLU B 140 -17.99 -7.57 -25.68
C GLU B 140 -18.04 -7.10 -24.24
N LYS B 141 -19.25 -6.84 -23.77
CA LYS B 141 -19.42 -6.25 -22.44
C LYS B 141 -20.04 -7.26 -21.48
N THR B 142 -20.43 -8.40 -22.03
CA THR B 142 -21.02 -9.47 -21.25
C THR B 142 -19.98 -10.52 -20.93
N GLY B 143 -20.04 -11.06 -19.72
CA GLY B 143 -19.15 -12.14 -19.33
C GLY B 143 -17.77 -11.66 -18.96
N VAL B 144 -17.66 -10.39 -18.56
CA VAL B 144 -16.37 -9.84 -18.17
C VAL B 144 -16.21 -9.80 -16.65
N VAL B 145 -15.11 -10.33 -16.18
CA VAL B 145 -14.81 -10.35 -14.76
C VAL B 145 -13.31 -10.02 -14.60
N SER B 146 -12.95 -9.42 -13.47
CA SER B 146 -11.56 -8.97 -13.28
C SER B 146 -11.10 -9.20 -11.85
N THR B 147 -9.79 -9.21 -11.65
CA THR B 147 -9.23 -9.18 -10.31
C THR B 147 -9.45 -7.80 -9.68
N GLY B 148 -9.78 -6.81 -10.50
CA GLY B 148 -9.71 -5.43 -10.07
C GLY B 148 -8.26 -4.95 -10.15
N LEU B 149 -8.01 -3.75 -9.66
CA LEU B 149 -6.67 -3.16 -9.72
C LEU B 149 -5.84 -3.69 -8.55
N ILE B 150 -4.69 -4.25 -8.84
CA ILE B 150 -3.86 -4.84 -7.79
C ILE B 150 -2.54 -4.13 -7.64
N GLN B 151 -2.24 -3.65 -6.42
CA GLN B 151 -0.93 -3.05 -6.12
C GLN B 151 0.10 -4.15 -5.88
N ASN B 152 1.26 -4.03 -6.51
CA ASN B 152 2.33 -4.99 -6.25
C ASN B 152 3.21 -4.59 -5.06
N GLY B 153 3.02 -3.37 -4.57
CA GLY B 153 3.74 -2.85 -3.42
C GLY B 153 5.10 -2.27 -3.78
N ASP B 154 5.42 -2.28 -5.08
CA ASP B 154 6.74 -1.85 -5.55
C ASP B 154 6.62 -0.76 -6.61
N TRP B 155 5.59 0.07 -6.49
CA TRP B 155 5.31 1.12 -7.47
C TRP B 155 4.92 0.57 -8.86
N THR B 156 4.30 -0.60 -8.88
CA THR B 156 3.66 -1.08 -10.09
C THR B 156 2.33 -1.72 -9.75
N PHE B 157 1.45 -1.78 -10.75
CA PHE B 157 0.16 -2.43 -10.60
C PHE B 157 0.03 -3.60 -11.57
N GLN B 158 -0.99 -4.42 -11.34
CA GLN B 158 -1.42 -5.37 -12.36
C GLN B 158 -2.93 -5.54 -12.24
N THR B 159 -3.53 -6.10 -13.29
CA THR B 159 -4.92 -6.50 -13.25
C THR B 159 -5.10 -7.61 -14.29
N LEU B 160 -5.96 -8.59 -13.99
CA LEU B 160 -6.38 -9.57 -14.98
C LEU B 160 -7.82 -9.30 -15.32
N VAL B 161 -8.12 -9.23 -16.61
CA VAL B 161 -9.46 -8.99 -17.07
C VAL B 161 -9.85 -10.13 -17.99
N MET B 162 -10.84 -10.89 -17.55
CA MET B 162 -11.17 -12.16 -18.20
C MET B 162 -12.53 -12.09 -18.90
N LEU B 163 -12.57 -12.69 -20.09
CA LEU B 163 -13.78 -12.75 -20.89
C LEU B 163 -14.26 -14.20 -20.95
N GLU B 164 -15.44 -14.47 -20.40
CA GLU B 164 -16.05 -15.79 -20.50
C GLU B 164 -16.65 -15.95 -21.88
N THR B 165 -16.12 -16.89 -22.64
CA THR B 165 -16.56 -17.06 -24.01
C THR B 165 -16.17 -18.43 -24.52
N VAL B 166 -16.93 -18.94 -25.48
CA VAL B 166 -16.54 -20.17 -26.16
C VAL B 166 -15.91 -19.79 -27.49
N PRO B 167 -14.59 -19.95 -27.61
CA PRO B 167 -13.91 -19.64 -28.87
C PRO B 167 -14.36 -20.53 -30.02
N ARG B 168 -14.68 -19.92 -31.15
CA ARG B 168 -14.95 -20.67 -32.38
C ARG B 168 -13.83 -20.37 -33.38
N SER B 169 -13.61 -21.29 -34.32
CA SER B 169 -12.62 -21.08 -35.36
C SER B 169 -12.94 -19.81 -36.12
N GLY B 170 -11.90 -19.12 -36.57
CA GLY B 170 -12.08 -17.91 -37.35
C GLY B 170 -12.15 -16.66 -36.51
N GLU B 171 -12.78 -16.75 -35.33
CA GLU B 171 -12.94 -15.60 -34.45
C GLU B 171 -11.61 -14.95 -34.04
N VAL B 172 -11.59 -13.63 -34.03
CA VAL B 172 -10.43 -12.91 -33.50
C VAL B 172 -10.84 -12.06 -32.28
N TYR B 173 -10.21 -12.35 -31.14
CA TYR B 173 -10.49 -11.60 -29.93
C TYR B 173 -9.38 -10.57 -29.69
N THR B 174 -9.76 -9.39 -29.20
CA THR B 174 -8.78 -8.35 -28.93
C THR B 174 -8.94 -7.78 -27.54
N CYS B 175 -7.85 -7.77 -26.78
CA CYS B 175 -7.82 -7.06 -25.52
C CYS B 175 -7.23 -5.68 -25.77
N GLN B 176 -7.93 -4.64 -25.33
CA GLN B 176 -7.50 -3.27 -25.56
C GLN B 176 -7.23 -2.57 -24.23
N VAL B 177 -6.10 -1.88 -24.14
CA VAL B 177 -5.68 -1.25 -22.88
C VAL B 177 -5.41 0.23 -23.06
N GLU B 178 -6.04 1.05 -22.22
CA GLU B 178 -5.77 2.50 -22.20
C GLU B 178 -5.19 2.90 -20.86
N HIS B 179 -4.19 3.78 -20.89
CA HIS B 179 -3.42 4.11 -19.70
C HIS B 179 -2.67 5.41 -19.96
N PRO B 180 -2.48 6.23 -18.91
CA PRO B 180 -1.79 7.52 -19.03
C PRO B 180 -0.40 7.44 -19.67
N SER B 181 0.27 6.29 -19.58
CA SER B 181 1.59 6.12 -20.17
C SER B 181 1.55 5.91 -21.68
N LEU B 182 0.36 5.64 -22.20
CA LEU B 182 0.20 5.35 -23.62
C LEU B 182 -0.41 6.55 -24.35
N THR B 183 -0.03 6.73 -25.62
CA THR B 183 -0.58 7.82 -26.41
C THR B 183 -1.69 7.31 -27.34
N SER B 184 -1.85 6.01 -27.40
CA SER B 184 -2.96 5.40 -28.13
C SER B 184 -3.19 4.03 -27.51
N PRO B 185 -4.39 3.45 -27.70
CA PRO B 185 -4.69 2.17 -27.04
C PRO B 185 -3.71 1.08 -27.44
N LEU B 186 -3.34 0.25 -26.48
CA LEU B 186 -2.50 -0.91 -26.72
C LEU B 186 -3.41 -2.11 -26.94
N THR B 187 -3.22 -2.84 -28.05
CA THR B 187 -4.10 -3.96 -28.36
C THR B 187 -3.30 -5.24 -28.56
N VAL B 188 -3.88 -6.36 -28.13
CA VAL B 188 -3.26 -7.67 -28.28
C VAL B 188 -4.33 -8.62 -28.79
N GLU B 189 -4.08 -9.23 -29.95
CA GLU B 189 -5.04 -10.15 -30.55
C GLU B 189 -4.83 -11.56 -30.09
N TRP B 190 -5.92 -12.32 -30.07
CA TRP B 190 -5.84 -13.75 -29.80
C TRP B 190 -6.77 -14.49 -30.76
N ARG B 191 -6.26 -15.51 -31.43
CA ARG B 191 -7.06 -16.31 -32.35
C ARG B 191 -7.21 -17.76 -31.91
N ALA B 192 -8.40 -18.31 -32.10
CA ALA B 192 -8.73 -19.67 -31.67
C ALA B 192 -7.99 -20.74 -32.48
N ALA C 1 14.64 22.31 -4.46
CA ALA C 1 14.48 21.53 -3.24
C ALA C 1 14.67 20.04 -3.50
N THR C 2 15.49 19.40 -2.66
CA THR C 2 15.74 17.97 -2.80
C THR C 2 15.67 17.26 -1.45
N GLU C 3 15.36 18.01 -0.40
CA GLU C 3 15.32 17.45 0.95
C GLU C 3 13.90 17.41 1.50
N TYR C 4 13.37 16.21 1.75
CA TYR C 4 12.05 16.04 2.35
C TYR C 4 12.02 16.64 3.75
N VAL C 6 10.26 17.22 7.52
CA VAL C 6 9.37 16.52 8.43
C VAL C 6 8.35 17.49 9.05
N VAL C 8 6.42 18.26 12.30
CA VAL C 8 6.56 17.91 13.71
C VAL C 8 5.25 17.41 14.32
N ASN C 9 5.35 16.59 15.37
CA ASN C 9 4.18 16.08 16.07
C ASN C 9 3.86 16.94 17.27
N SER C 10 2.57 17.24 17.44
CA SER C 10 2.16 17.99 18.62
C SER C 10 2.12 17.05 19.82
N ALA C 11 2.62 17.54 20.95
CA ALA C 11 2.72 16.73 22.15
C ALA C 11 1.72 17.25 23.17
N TYR C 12 0.97 16.35 23.80
CA TYR C 12 0.10 16.79 24.86
C TYR C 12 0.88 16.91 26.16
N GLN C 13 0.47 17.84 27.02
CA GLN C 13 1.03 17.97 28.35
C GLN C 13 0.04 18.68 29.27
#